data_7FOO
#
_entry.id   7FOO
#
_cell.length_a   88.618
_cell.length_b   81.972
_cell.length_c   93.646
_cell.angle_alpha   90
_cell.angle_beta   108.37
_cell.angle_gamma   90
#
_symmetry.space_group_name_H-M   'C 1 2 1'
#
loop_
_entity.id
_entity.type
_entity.pdbx_description
1 polymer 'Pre-mRNA-splicing factor 8'
2 polymer 'A1 cistron-splicing factor AAR2'
3 non-polymer 2-azanyl-1-(6,7-dihydro-4~{H}-thieno[3,2-c]pyridin-5-yl)ethanone
4 water water
#
loop_
_entity_poly.entity_id
_entity_poly.type
_entity_poly.pdbx_seq_one_letter_code
_entity_poly.pdbx_strand_id
1 'polypeptide(L)'
;GAMNSSNYAELFNNDIKLFVDDTNVYRVTVHKTFEGNVATKAINGCIFTLNPKTGHLFLKIIHTSVWAGQKRLSQLAKWK
TAEEVSALVRSLPKEEQPKQIIVTRKAMLDPLEVHMLDFPNIAIRPTELRLPFSAAMSIDKLSDVVMKATEPQMVLFNIY
DDWLDRISSYTAFSRLTLLLRALKTNEESAKMILLSDPTITIKSYHLWPSFTDEQWITIESQMRDLILTEYGRKYNVNIS
ALTQTEIKDIILGQNIKA
;
A
2 'polypeptide(L)'
;GAMAMNTVPFTSAPIEVTIGIDQYSFNVKENQPFHGIKDIPIGHVHVIHFQHADNSSMRYGYWFDCRMGNFYIQYDPKDG
LYKMMEERDGAKFENIVHNFKERQMMVSYPKIDEDDTWYNLTEFVQMDKIRKIVRKDENQFSYVDSSMTTVQENELSSSS
SDPAHSLNYTVINFKSREAIRPGHEMEDFLDKSYYLNTVMLQGIFKNSSNYFGELQFAFLNAMFFGNYGSSLQWHAMIEL
ICSSATVPKHMLDKLDEILYYQIKTLPEQYSDILLNERVWNICLYSSFQKNSLHNTEKIMENKYPELL
;
B
#
loop_
_chem_comp.id
_chem_comp.type
_chem_comp.name
_chem_comp.formula
DEW non-polymer 2-azanyl-1-(6,7-dihydro-4~{H}-thieno[3,2-c]pyridin-5-yl)ethanone 'C9 H12 N2 O S'
#
# COMPACT_ATOMS: atom_id res chain seq x y z
N GLY A 1 9.31 -12.78 -5.51
CA GLY A 1 9.31 -12.46 -4.10
C GLY A 1 10.69 -12.12 -3.55
N ALA A 2 10.91 -12.38 -2.26
CA ALA A 2 12.18 -12.04 -1.64
C ALA A 2 13.24 -13.06 -2.03
N MET A 3 14.49 -12.64 -1.89
CA MET A 3 15.65 -13.40 -2.31
C MET A 3 16.32 -13.99 -1.07
N ASN A 4 16.63 -15.28 -1.12
CA ASN A 4 17.20 -15.97 0.06
C ASN A 4 18.08 -17.13 -0.42
N SER A 5 18.48 -17.99 0.53
CA SER A 5 19.37 -19.10 0.23
C SER A 5 18.74 -20.13 -0.69
N SER A 6 17.41 -20.17 -0.78
CA SER A 6 16.75 -21.18 -1.60
C SER A 6 16.93 -20.88 -3.08
N ASN A 7 16.75 -19.62 -3.46
CA ASN A 7 16.89 -19.19 -4.85
C ASN A 7 18.20 -18.45 -5.07
N TYR A 8 19.31 -19.07 -4.67
CA TYR A 8 20.60 -18.38 -4.62
C TYR A 8 21.32 -18.40 -5.96
N ALA A 9 21.09 -19.42 -6.78
CA ALA A 9 21.70 -19.51 -8.09
C ALA A 9 21.07 -18.55 -9.11
N GLU A 10 19.88 -18.00 -8.83
CA GLU A 10 19.28 -17.08 -9.79
C GLU A 10 20.20 -15.89 -10.08
N LEU A 11 20.99 -15.48 -9.09
CA LEU A 11 21.91 -14.36 -9.26
C LEU A 11 22.85 -14.52 -10.45
N PHE A 12 23.16 -15.76 -10.85
CA PHE A 12 24.17 -15.99 -11.86
C PHE A 12 23.58 -16.52 -13.15
N ASN A 13 22.26 -16.46 -13.29
CA ASN A 13 21.69 -16.81 -14.57
C ASN A 13 21.85 -15.62 -15.51
N ASN A 14 21.11 -15.63 -16.60
CA ASN A 14 21.36 -14.72 -17.70
C ASN A 14 20.34 -13.58 -17.79
N ASP A 15 19.47 -13.42 -16.78
CA ASP A 15 18.59 -12.26 -16.64
C ASP A 15 19.41 -11.14 -15.98
N ILE A 16 19.50 -9.99 -16.62
CA ILE A 16 20.28 -8.90 -16.00
C ILE A 16 19.64 -8.50 -14.69
N LYS A 17 20.45 -8.38 -13.63
CA LYS A 17 20.01 -7.90 -12.33
C LYS A 17 21.07 -7.06 -11.63
N LEU A 18 20.60 -6.17 -10.77
CA LEU A 18 21.46 -5.33 -9.95
C LEU A 18 21.08 -5.43 -8.50
N PHE A 19 22.07 -5.57 -7.63
CA PHE A 19 21.89 -5.32 -6.22
C PHE A 19 22.09 -3.84 -5.96
N VAL A 20 21.24 -3.22 -5.11
CA VAL A 20 21.46 -1.84 -4.63
C VAL A 20 21.59 -1.86 -3.13
N ASP A 21 22.70 -1.35 -2.63
CA ASP A 21 22.94 -1.12 -1.22
C ASP A 21 23.02 0.38 -0.96
N ASP A 22 22.23 0.86 -0.02
CA ASP A 22 22.19 2.29 0.35
C ASP A 22 22.84 2.59 1.71
N THR A 23 23.49 1.61 2.33
N THR A 23 23.54 1.62 2.32
CA THR A 23 23.98 1.78 3.68
CA THR A 23 24.02 1.76 3.70
C THR A 23 24.87 3.01 3.77
C THR A 23 25.14 2.77 3.86
N ASN A 24 25.73 3.21 2.78
CA ASN A 24 26.81 4.21 2.82
C ASN A 24 26.39 5.49 2.14
N VAL A 25 25.10 5.72 1.91
CA VAL A 25 24.71 6.91 1.16
C VAL A 25 24.78 8.14 2.05
N TYR A 26 24.21 8.07 3.24
CA TYR A 26 24.22 9.17 4.20
C TYR A 26 25.13 8.76 5.34
N ARG A 27 26.29 9.43 5.42
CA ARG A 27 27.30 9.10 6.42
C ARG A 27 27.60 10.33 7.24
N VAL A 28 27.71 10.18 8.55
CA VAL A 28 28.00 11.30 9.43
C VAL A 28 29.05 10.93 10.47
N THR A 29 29.70 11.95 10.98
CA THR A 29 30.41 11.91 12.25
C THR A 29 29.60 12.73 13.24
N VAL A 30 29.48 12.22 14.46
CA VAL A 30 28.76 12.92 15.53
C VAL A 30 29.81 13.55 16.45
N HIS A 31 29.59 14.81 16.84
CA HIS A 31 30.57 15.55 17.62
C HIS A 31 29.89 16.50 18.58
N LYS A 32 30.66 17.02 19.53
CA LYS A 32 30.15 18.00 20.50
C LYS A 32 30.30 19.42 19.97
N THR A 33 29.31 20.27 20.28
CA THR A 33 29.38 21.70 19.99
C THR A 33 30.00 22.45 21.17
N PHE A 34 30.48 23.67 20.88
CA PHE A 34 31.08 24.48 21.93
C PHE A 34 30.15 24.59 23.14
N GLU A 35 28.84 24.69 22.89
CA GLU A 35 27.81 24.74 23.93
C GLU A 35 27.58 23.39 24.59
N GLY A 36 28.37 22.36 24.23
CA GLY A 36 28.21 21.03 24.81
C GLY A 36 27.02 20.27 24.31
N ASN A 37 26.42 20.69 23.20
CA ASN A 37 25.38 19.91 22.54
C ASN A 37 26.03 18.96 21.55
N VAL A 38 25.22 18.16 20.87
CA VAL A 38 25.72 17.21 19.90
C VAL A 38 25.19 17.61 18.54
N ALA A 39 26.07 17.55 17.55
CA ALA A 39 25.73 17.81 16.16
C ALA A 39 26.34 16.73 15.30
N THR A 40 25.85 16.64 14.07
CA THR A 40 26.44 15.76 13.07
C THR A 40 27.15 16.61 12.03
N LYS A 41 28.22 16.07 11.49
CA LYS A 41 28.83 16.57 10.26
C LYS A 41 28.79 15.46 9.22
N ALA A 42 28.17 15.74 8.07
CA ALA A 42 28.10 14.74 7.00
C ALA A 42 29.44 14.60 6.29
N ILE A 43 29.71 13.39 5.78
CA ILE A 43 30.85 13.16 4.90
C ILE A 43 30.33 12.49 3.64
N ASN A 44 31.19 12.44 2.63
CA ASN A 44 30.76 11.97 1.31
C ASN A 44 30.32 10.54 1.46
N GLY A 45 29.30 10.17 0.71
CA GLY A 45 28.93 8.74 0.67
C GLY A 45 28.82 8.17 -0.71
N CYS A 46 28.15 7.01 -0.84
CA CYS A 46 28.09 6.35 -2.14
C CYS A 46 26.92 5.37 -2.12
N ILE A 47 26.33 5.21 -3.32
CA ILE A 47 25.42 4.13 -3.64
C ILE A 47 26.26 3.00 -4.21
N PHE A 48 25.98 1.77 -3.78
CA PHE A 48 26.69 0.57 -4.20
C PHE A 48 25.68 -0.22 -5.01
N THR A 49 25.82 -0.18 -6.33
CA THR A 49 24.94 -0.85 -7.28
C THR A 49 25.81 -1.85 -8.05
N LEU A 50 25.48 -3.14 -7.95
CA LEU A 50 26.40 -4.16 -8.44
C LEU A 50 25.66 -5.21 -9.26
N ASN A 51 26.19 -5.50 -10.44
CA ASN A 51 25.74 -6.66 -11.24
C ASN A 51 26.50 -7.87 -10.71
N PRO A 52 25.84 -8.84 -10.09
CA PRO A 52 26.57 -9.96 -9.47
C PRO A 52 27.12 -10.95 -10.47
N LYS A 53 26.63 -10.93 -11.71
CA LYS A 53 27.11 -11.85 -12.74
C LYS A 53 28.39 -11.36 -13.39
N THR A 54 28.54 -10.04 -13.57
CA THR A 54 29.66 -9.50 -14.31
C THR A 54 30.69 -8.82 -13.41
N GLY A 55 30.37 -8.46 -12.17
CA GLY A 55 31.29 -7.72 -11.29
C GLY A 55 31.23 -6.24 -11.55
N HIS A 56 30.27 -5.77 -12.34
CA HIS A 56 30.17 -4.34 -12.70
C HIS A 56 29.65 -3.56 -11.49
N LEU A 57 30.50 -2.78 -10.81
CA LEU A 57 30.08 -1.90 -9.70
C LEU A 57 29.89 -0.48 -10.28
N PHE A 58 28.65 0.04 -10.31
CA PHE A 58 28.35 1.45 -10.66
C PHE A 58 28.39 2.18 -9.32
N LEU A 59 29.49 2.85 -8.98
CA LEU A 59 29.60 3.50 -7.65
C LEU A 59 29.23 4.97 -7.78
N LYS A 60 28.02 5.36 -7.41
CA LYS A 60 27.61 6.77 -7.46
C LYS A 60 27.99 7.43 -6.17
N ILE A 61 28.90 8.42 -6.29
CA ILE A 61 29.39 9.18 -5.15
C ILE A 61 28.36 10.25 -4.78
N ILE A 62 27.99 10.26 -3.51
CA ILE A 62 27.02 11.20 -2.96
C ILE A 62 27.84 12.25 -2.23
N HIS A 63 27.94 13.44 -2.81
CA HIS A 63 28.67 14.54 -2.21
C HIS A 63 27.82 15.25 -1.14
N THR A 64 28.47 15.69 -0.04
CA THR A 64 27.80 16.29 1.08
C THR A 64 26.93 17.49 0.71
N SER A 65 27.20 18.10 -0.43
CA SER A 65 26.41 19.23 -0.88
C SER A 65 24.97 18.85 -1.14
N VAL A 66 24.71 17.58 -1.44
N VAL A 66 24.72 17.57 -1.46
CA VAL A 66 23.34 17.15 -1.71
CA VAL A 66 23.36 17.07 -1.66
C VAL A 66 22.46 17.27 -0.47
C VAL A 66 22.48 17.36 -0.46
N TRP A 67 23.05 17.37 0.74
CA TRP A 67 22.28 17.45 1.94
C TRP A 67 22.01 18.89 2.43
N ALA A 68 22.69 19.86 1.85
CA ALA A 68 22.62 21.23 2.40
C ALA A 68 21.18 21.71 2.41
N GLY A 69 20.74 22.15 3.57
CA GLY A 69 19.43 22.77 3.70
C GLY A 69 18.29 21.79 3.66
N GLN A 70 18.61 20.51 3.73
CA GLN A 70 17.61 19.47 3.70
C GLN A 70 17.31 18.96 5.11
N LYS A 71 16.08 18.49 5.28
CA LYS A 71 15.59 17.94 6.53
C LYS A 71 15.35 16.44 6.37
N ARG A 72 15.33 15.74 7.50
CA ARG A 72 15.02 14.31 7.55
C ARG A 72 15.95 13.53 6.60
N LEU A 73 17.26 13.68 6.84
CA LEU A 73 18.24 13.22 5.87
C LEU A 73 18.23 11.70 5.70
N SER A 74 18.05 10.94 6.78
CA SER A 74 18.07 9.49 6.58
C SER A 74 16.91 9.04 5.70
N GLN A 75 15.77 9.74 5.73
CA GLN A 75 14.68 9.43 4.82
C GLN A 75 14.95 9.94 3.43
N LEU A 76 15.52 11.14 3.30
CA LEU A 76 15.86 11.62 1.98
C LEU A 76 16.90 10.74 1.30
N ALA A 77 17.84 10.21 2.06
CA ALA A 77 18.87 9.34 1.51
C ALA A 77 18.26 8.19 0.72
N LYS A 78 17.18 7.61 1.22
CA LYS A 78 16.56 6.48 0.52
C LYS A 78 15.97 6.92 -0.81
N TRP A 79 15.24 8.06 -0.82
CA TRP A 79 14.71 8.62 -2.07
C TRP A 79 15.79 9.15 -3.01
N LYS A 80 16.85 9.77 -2.49
CA LYS A 80 18.00 10.11 -3.31
C LYS A 80 18.59 8.88 -4.01
N THR A 81 18.76 7.80 -3.24
CA THR A 81 19.25 6.53 -3.78
C THR A 81 18.34 6.07 -4.91
N ALA A 82 17.03 6.11 -4.68
CA ALA A 82 16.13 5.60 -5.71
C ALA A 82 16.18 6.48 -6.94
N GLU A 83 16.24 7.82 -6.75
CA GLU A 83 16.35 8.69 -7.91
C GLU A 83 17.61 8.39 -8.73
N GLU A 84 18.75 8.20 -8.06
CA GLU A 84 19.97 7.88 -8.81
C GLU A 84 19.90 6.53 -9.51
N VAL A 85 19.29 5.52 -8.88
CA VAL A 85 19.22 4.22 -9.53
C VAL A 85 18.31 4.30 -10.76
N SER A 86 17.18 5.02 -10.64
N SER A 86 17.20 5.04 -10.63
CA SER A 86 16.30 5.18 -11.78
CA SER A 86 16.29 5.21 -11.75
C SER A 86 16.99 5.95 -12.90
C SER A 86 17.00 5.94 -12.89
N ALA A 87 17.71 7.01 -12.56
CA ALA A 87 18.50 7.71 -13.55
C ALA A 87 19.50 6.79 -14.22
N LEU A 88 20.16 5.92 -13.45
CA LEU A 88 21.12 4.99 -14.04
C LEU A 88 20.43 4.06 -15.03
N VAL A 89 19.28 3.51 -14.63
CA VAL A 89 18.61 2.58 -15.54
C VAL A 89 18.23 3.29 -16.83
N ARG A 90 17.64 4.48 -16.71
CA ARG A 90 17.23 5.23 -17.91
C ARG A 90 18.39 5.55 -18.82
N SER A 91 19.61 5.69 -18.28
CA SER A 91 20.77 5.98 -19.10
C SER A 91 21.29 4.77 -19.84
N LEU A 92 20.88 3.54 -19.48
CA LEU A 92 21.38 2.34 -20.12
C LEU A 92 20.54 2.02 -21.35
N PRO A 93 21.14 1.49 -22.43
CA PRO A 93 20.34 0.96 -23.54
C PRO A 93 19.37 -0.11 -23.04
N LYS A 94 18.23 -0.19 -23.73
CA LYS A 94 17.16 -1.10 -23.32
C LYS A 94 17.72 -2.51 -23.04
N GLU A 95 18.59 -2.99 -23.91
CA GLU A 95 19.10 -4.35 -23.74
C GLU A 95 20.12 -4.47 -22.61
N GLU A 96 20.59 -3.37 -22.02
CA GLU A 96 21.38 -3.44 -20.79
C GLU A 96 20.59 -3.15 -19.52
N GLN A 97 19.34 -2.76 -19.63
CA GLN A 97 18.58 -2.45 -18.42
C GLN A 97 18.29 -3.74 -17.64
N PRO A 98 18.32 -3.69 -16.32
CA PRO A 98 18.08 -4.88 -15.52
C PRO A 98 16.65 -5.34 -15.67
N LYS A 99 16.45 -6.64 -15.54
N LYS A 99 16.45 -6.64 -15.53
CA LYS A 99 15.08 -7.14 -15.38
CA LYS A 99 15.09 -7.16 -15.39
C LYS A 99 14.62 -7.10 -13.93
C LYS A 99 14.63 -7.22 -13.95
N GLN A 100 15.55 -7.19 -12.98
CA GLN A 100 15.24 -7.15 -11.57
C GLN A 100 16.24 -6.24 -10.85
N ILE A 101 15.77 -5.51 -9.85
CA ILE A 101 16.66 -4.80 -8.92
C ILE A 101 16.38 -5.33 -7.51
N ILE A 102 17.41 -5.89 -6.88
CA ILE A 102 17.34 -6.41 -5.51
C ILE A 102 17.94 -5.39 -4.53
N VAL A 103 17.13 -4.91 -3.54
CA VAL A 103 17.62 -3.94 -2.55
C VAL A 103 18.06 -4.69 -1.30
N THR A 104 19.16 -4.28 -0.69
CA THR A 104 19.62 -5.02 0.50
C THR A 104 18.88 -4.65 1.79
N ARG A 105 18.12 -3.54 1.79
CA ARG A 105 17.32 -3.12 2.94
C ARG A 105 15.90 -2.84 2.49
N LYS A 106 14.92 -3.39 3.20
CA LYS A 106 13.53 -3.30 2.76
C LYS A 106 13.01 -1.86 2.72
N ALA A 107 13.60 -0.95 3.50
CA ALA A 107 13.14 0.43 3.43
C ALA A 107 13.36 1.07 2.06
N MET A 108 14.19 0.47 1.19
CA MET A 108 14.37 0.99 -0.16
C MET A 108 13.26 0.54 -1.12
N LEU A 109 12.37 -0.37 -0.72
CA LEU A 109 11.45 -0.93 -1.69
C LEU A 109 10.50 0.12 -2.23
N ASP A 110 9.75 0.80 -1.33
CA ASP A 110 8.81 1.80 -1.80
C ASP A 110 9.49 2.98 -2.50
N PRO A 111 10.56 3.58 -1.97
CA PRO A 111 11.20 4.64 -2.77
C PRO A 111 11.59 4.17 -4.17
N LEU A 112 12.18 2.97 -4.32
CA LEU A 112 12.61 2.57 -5.65
C LEU A 112 11.41 2.25 -6.53
N GLU A 113 10.45 1.51 -5.98
CA GLU A 113 9.24 1.21 -6.73
C GLU A 113 8.59 2.47 -7.28
N VAL A 114 8.52 3.54 -6.50
CA VAL A 114 7.86 4.74 -6.95
C VAL A 114 8.68 5.42 -8.04
N HIS A 115 10.01 5.44 -7.88
CA HIS A 115 10.82 6.06 -8.91
C HIS A 115 10.82 5.26 -10.20
N MET A 116 10.49 3.98 -10.15
CA MET A 116 10.55 3.12 -11.34
C MET A 116 9.16 2.81 -11.89
N LEU A 117 8.16 3.66 -11.59
CA LEU A 117 6.81 3.38 -12.09
C LEU A 117 6.79 3.29 -13.61
N ASP A 118 7.71 4.00 -14.26
CA ASP A 118 7.87 3.95 -15.71
C ASP A 118 8.43 2.61 -16.21
N PHE A 119 8.92 1.75 -15.34
CA PHE A 119 9.47 0.45 -15.71
C PHE A 119 8.63 -0.64 -15.04
N PRO A 120 7.37 -0.82 -15.46
CA PRO A 120 6.55 -1.86 -14.83
C PRO A 120 7.13 -3.25 -14.92
N ASN A 121 7.96 -3.52 -15.92
CA ASN A 121 8.51 -4.84 -16.15
C ASN A 121 9.87 -5.05 -15.49
N ILE A 122 10.38 -4.09 -14.72
CA ILE A 122 11.52 -4.32 -13.85
C ILE A 122 11.01 -4.68 -12.46
N ALA A 123 11.34 -5.88 -11.99
CA ALA A 123 10.96 -6.31 -10.66
C ALA A 123 11.87 -5.69 -9.59
N ILE A 124 11.26 -5.09 -8.57
CA ILE A 124 11.96 -4.61 -7.39
C ILE A 124 11.76 -5.61 -6.25
N ARG A 125 12.86 -6.15 -5.72
CA ARG A 125 12.81 -7.23 -4.77
C ARG A 125 13.68 -6.98 -3.55
N PRO A 126 13.21 -7.41 -2.38
CA PRO A 126 14.07 -7.52 -1.20
C PRO A 126 14.81 -8.83 -1.15
N THR A 127 15.56 -9.00 -0.07
CA THR A 127 16.32 -10.22 0.17
C THR A 127 16.36 -10.50 1.66
N GLU A 128 16.37 -11.79 1.99
N GLU A 128 16.37 -11.78 2.01
CA GLU A 128 16.58 -12.30 3.34
CA GLU A 128 16.60 -12.19 3.39
C GLU A 128 18.05 -12.48 3.67
C GLU A 128 18.07 -12.39 3.69
N LEU A 129 18.93 -12.33 2.68
CA LEU A 129 20.36 -12.47 2.93
C LEU A 129 20.90 -11.25 3.66
N ARG A 130 21.96 -11.49 4.42
CA ARG A 130 22.61 -10.45 5.22
C ARG A 130 23.92 -10.15 4.48
N LEU A 131 23.80 -9.39 3.41
CA LEU A 131 24.96 -9.20 2.53
C LEU A 131 25.89 -8.13 3.10
N PRO A 132 27.21 -8.33 3.02
CA PRO A 132 28.15 -7.43 3.72
C PRO A 132 28.53 -6.22 2.88
N PHE A 133 27.64 -5.75 2.01
CA PHE A 133 28.06 -4.70 1.08
C PHE A 133 28.41 -3.41 1.80
N SER A 134 27.99 -3.25 3.04
CA SER A 134 28.32 -2.03 3.75
C SER A 134 29.82 -1.87 3.93
N ALA A 135 30.52 -2.99 3.98
CA ALA A 135 31.99 -2.99 4.12
C ALA A 135 32.66 -2.56 2.90
N ALA A 136 31.93 -2.10 1.88
CA ALA A 136 32.58 -1.65 0.66
C ALA A 136 33.51 -0.47 0.90
N MET A 137 33.19 0.38 1.87
CA MET A 137 34.08 1.48 2.18
C MET A 137 35.31 1.04 2.97
N SER A 138 35.49 -0.25 3.18
CA SER A 138 36.75 -0.77 3.69
C SER A 138 37.70 -1.17 2.59
N ILE A 139 37.26 -1.13 1.33
CA ILE A 139 38.14 -1.30 0.18
C ILE A 139 38.84 0.04 -0.09
N ASP A 140 40.17 0.05 0.00
CA ASP A 140 40.89 1.31 0.07
C ASP A 140 40.61 2.19 -1.14
N LYS A 141 40.68 1.62 -2.34
CA LYS A 141 40.52 2.43 -3.54
C LYS A 141 39.10 3.02 -3.63
N LEU A 142 38.10 2.30 -3.14
CA LEU A 142 36.73 2.83 -3.13
C LEU A 142 36.58 3.94 -2.11
N SER A 143 37.07 3.70 -0.91
CA SER A 143 37.03 4.75 0.09
C SER A 143 37.75 6.01 -0.39
N ASP A 144 38.85 5.85 -1.11
CA ASP A 144 39.67 7.00 -1.49
C ASP A 144 38.93 7.87 -2.49
N VAL A 145 38.28 7.25 -3.48
CA VAL A 145 37.60 8.04 -4.49
C VAL A 145 36.38 8.75 -3.90
N VAL A 146 35.66 8.11 -2.97
CA VAL A 146 34.52 8.74 -2.31
C VAL A 146 34.99 9.97 -1.51
N MET A 147 36.07 9.80 -0.74
N MET A 147 36.06 9.82 -0.73
N MET A 147 36.06 9.82 -0.73
CA MET A 147 36.53 10.84 0.18
CA MET A 147 36.47 10.90 0.16
CA MET A 147 36.44 10.92 0.17
C MET A 147 37.10 12.06 -0.56
C MET A 147 37.05 12.09 -0.60
C MET A 147 37.10 12.09 -0.56
N LYS A 148 37.70 11.85 -1.72
CA LYS A 148 38.30 12.94 -2.51
C LYS A 148 37.31 13.68 -3.39
N ALA A 149 36.09 13.17 -3.60
CA ALA A 149 35.18 13.80 -4.54
C ALA A 149 34.81 15.17 -4.03
N THR A 150 34.83 16.14 -4.94
CA THR A 150 34.40 17.50 -4.64
C THR A 150 33.06 17.81 -5.29
N GLU A 151 32.46 16.85 -5.95
CA GLU A 151 31.19 17.06 -6.64
C GLU A 151 30.57 15.70 -6.90
N PRO A 152 29.29 15.65 -7.21
CA PRO A 152 28.69 14.35 -7.57
C PRO A 152 29.42 13.71 -8.73
N GLN A 153 29.56 12.38 -8.69
CA GLN A 153 30.37 11.71 -9.66
C GLN A 153 30.03 10.22 -9.64
N MET A 154 29.96 9.59 -10.81
CA MET A 154 29.79 8.15 -10.95
C MET A 154 31.13 7.53 -11.36
N VAL A 155 31.66 6.58 -10.57
CA VAL A 155 32.96 5.88 -10.82
C VAL A 155 32.61 4.42 -11.13
N LEU A 156 33.14 3.85 -12.21
CA LEU A 156 32.87 2.47 -12.66
C LEU A 156 34.05 1.58 -12.24
N PHE A 157 33.80 0.50 -11.48
CA PHE A 157 34.82 -0.48 -11.04
C PHE A 157 34.35 -1.88 -11.39
N ASN A 158 35.29 -2.80 -11.54
CA ASN A 158 34.90 -4.21 -11.60
C ASN A 158 35.27 -4.67 -10.20
N ILE A 159 34.30 -5.13 -9.39
CA ILE A 159 34.56 -5.61 -8.00
C ILE A 159 35.18 -7.02 -8.03
N TYR A 160 35.29 -7.68 -9.17
CA TYR A 160 35.94 -8.98 -9.26
C TYR A 160 37.33 -8.92 -9.89
N ASP A 161 37.87 -7.71 -10.10
CA ASP A 161 39.08 -7.57 -10.92
C ASP A 161 38.97 -8.50 -12.12
N ASP A 162 39.95 -9.41 -12.29
CA ASP A 162 40.03 -10.27 -13.47
C ASP A 162 39.59 -11.68 -13.16
N TRP A 163 38.87 -11.89 -12.06
CA TRP A 163 38.66 -13.24 -11.57
C TRP A 163 37.87 -14.07 -12.58
N LEU A 164 36.94 -13.44 -13.28
CA LEU A 164 36.05 -14.22 -14.15
C LEU A 164 36.82 -14.91 -15.27
N ASP A 165 38.11 -14.55 -15.47
CA ASP A 165 38.97 -15.26 -16.43
C ASP A 165 39.28 -16.67 -15.96
N ARG A 166 39.24 -16.90 -14.66
CA ARG A 166 39.59 -18.19 -14.08
C ARG A 166 38.46 -18.87 -13.31
N ILE A 167 37.50 -18.12 -12.77
CA ILE A 167 36.46 -18.70 -11.95
C ILE A 167 35.10 -18.23 -12.43
N SER A 168 34.08 -18.96 -12.01
CA SER A 168 32.70 -18.66 -12.41
C SER A 168 32.16 -17.50 -11.56
N SER A 169 31.08 -16.90 -12.06
N SER A 169 31.01 -16.94 -11.98
CA SER A 169 30.38 -15.87 -11.30
CA SER A 169 30.44 -15.82 -11.23
C SER A 169 30.13 -16.38 -9.89
C SER A 169 29.86 -16.27 -9.90
N TYR A 170 29.43 -17.52 -9.77
CA TYR A 170 29.07 -18.01 -8.46
C TYR A 170 30.28 -17.97 -7.54
N THR A 171 31.44 -18.46 -8.01
CA THR A 171 32.59 -18.53 -7.11
C THR A 171 33.12 -17.15 -6.79
N ALA A 172 33.07 -16.23 -7.77
CA ALA A 172 33.56 -14.88 -7.56
C ALA A 172 32.71 -14.13 -6.55
N PHE A 173 31.39 -14.23 -6.66
CA PHE A 173 30.52 -13.64 -5.68
C PHE A 173 30.78 -14.22 -4.30
N SER A 174 31.03 -15.53 -4.23
CA SER A 174 31.28 -16.16 -2.93
C SER A 174 32.56 -15.63 -2.31
N ARG A 175 33.58 -15.44 -3.15
CA ARG A 175 34.82 -14.87 -2.66
C ARG A 175 34.63 -13.43 -2.22
N LEU A 176 33.92 -12.66 -3.03
CA LEU A 176 33.64 -11.26 -2.64
C LEU A 176 32.95 -11.19 -1.30
N THR A 177 31.88 -11.96 -1.13
CA THR A 177 31.11 -11.86 0.10
C THR A 177 31.94 -12.35 1.27
N LEU A 178 32.84 -13.30 1.05
CA LEU A 178 33.76 -13.71 2.12
C LEU A 178 34.72 -12.59 2.50
N LEU A 179 35.30 -11.94 1.50
CA LEU A 179 36.22 -10.84 1.78
C LEU A 179 35.51 -9.71 2.50
N LEU A 180 34.28 -9.41 2.09
CA LEU A 180 33.59 -8.28 2.67
C LEU A 180 33.06 -8.60 4.06
N ARG A 181 32.52 -9.80 4.24
CA ARG A 181 32.17 -10.23 5.57
C ARG A 181 33.37 -10.12 6.52
N ALA A 182 34.55 -10.57 6.09
CA ALA A 182 35.73 -10.47 6.95
C ALA A 182 36.04 -9.03 7.29
N LEU A 183 36.13 -8.19 6.27
CA LEU A 183 36.38 -6.78 6.49
C LEU A 183 35.37 -6.18 7.44
N LYS A 184 34.12 -6.66 7.41
CA LYS A 184 33.08 -6.08 8.25
C LYS A 184 33.20 -6.54 9.71
N THR A 185 33.66 -7.77 9.95
N THR A 185 33.68 -7.77 9.94
CA THR A 185 33.74 -8.27 11.31
CA THR A 185 33.74 -8.30 11.29
C THR A 185 35.00 -7.78 12.01
C THR A 185 35.01 -7.87 12.02
N ASN A 186 36.12 -7.74 11.28
CA ASN A 186 37.38 -7.28 11.85
C ASN A 186 38.20 -6.67 10.71
N GLU A 187 38.02 -5.37 10.50
CA GLU A 187 38.68 -4.70 9.38
C GLU A 187 40.20 -4.81 9.51
N GLU A 188 40.75 -4.61 10.70
CA GLU A 188 42.21 -4.61 10.81
C GLU A 188 42.78 -5.96 10.46
N SER A 189 42.23 -7.02 11.06
CA SER A 189 42.69 -8.37 10.74
C SER A 189 42.50 -8.67 9.26
N ALA A 190 41.28 -8.48 8.75
CA ALA A 190 41.03 -8.70 7.33
C ALA A 190 42.12 -8.07 6.47
N LYS A 191 42.47 -6.82 6.76
CA LYS A 191 43.41 -6.12 5.90
C LYS A 191 44.83 -6.62 6.09
N MET A 192 45.23 -6.94 7.33
CA MET A 192 46.53 -7.56 7.54
CA MET A 192 46.53 -7.58 7.55
C MET A 192 46.65 -8.85 6.72
N ILE A 193 45.59 -9.65 6.67
CA ILE A 193 45.60 -10.89 5.89
C ILE A 193 45.90 -10.61 4.44
N LEU A 194 45.28 -9.57 3.89
CA LEU A 194 45.33 -9.32 2.45
C LEU A 194 46.65 -8.72 2.00
N LEU A 195 47.38 -8.03 2.89
CA LEU A 195 48.60 -7.33 2.52
C LEU A 195 49.81 -7.74 3.37
N SER A 196 49.74 -8.87 4.06
CA SER A 196 50.88 -9.28 4.88
C SER A 196 52.13 -9.43 4.02
N ASP A 197 52.00 -10.01 2.83
CA ASP A 197 53.14 -10.43 2.02
C ASP A 197 53.54 -9.34 1.03
N PRO A 198 54.64 -8.61 1.28
CA PRO A 198 54.98 -7.48 0.39
C PRO A 198 55.05 -7.87 -1.07
N THR A 199 55.36 -9.13 -1.37
CA THR A 199 55.59 -9.52 -2.76
C THR A 199 54.31 -9.58 -3.57
N ILE A 200 53.13 -9.64 -2.95
CA ILE A 200 51.87 -9.69 -3.67
C ILE A 200 51.34 -8.28 -3.78
N THR A 201 50.94 -7.89 -4.98
CA THR A 201 50.58 -6.51 -5.23
C THR A 201 49.17 -6.41 -5.81
N ILE A 202 48.67 -5.18 -5.82
CA ILE A 202 47.40 -4.81 -6.43
C ILE A 202 47.71 -4.04 -7.71
N LYS A 203 47.24 -4.57 -8.82
CA LYS A 203 47.43 -3.88 -10.08
C LYS A 203 46.75 -2.53 -10.02
N SER A 204 47.29 -1.57 -10.78
CA SER A 204 46.76 -0.23 -10.75
C SER A 204 45.27 -0.20 -11.05
N TYR A 205 44.78 -1.07 -11.91
CA TYR A 205 43.37 -1.05 -12.30
C TYR A 205 42.54 -2.08 -11.52
N HIS A 206 43.03 -2.53 -10.37
CA HIS A 206 42.37 -3.56 -9.58
C HIS A 206 42.10 -3.07 -8.17
N LEU A 207 41.22 -3.80 -7.50
CA LEU A 207 40.90 -3.48 -6.13
C LEU A 207 41.60 -4.35 -5.13
N TRP A 208 41.84 -5.60 -5.52
CA TRP A 208 42.35 -6.64 -4.64
C TRP A 208 43.71 -7.08 -5.16
N PRO A 209 44.50 -7.72 -4.31
CA PRO A 209 45.80 -8.21 -4.74
C PRO A 209 45.73 -9.24 -5.85
N SER A 210 46.83 -9.36 -6.56
CA SER A 210 47.00 -10.39 -7.58
C SER A 210 47.46 -11.66 -6.91
N PHE A 211 46.50 -12.50 -6.53
CA PHE A 211 46.75 -13.79 -5.87
C PHE A 211 46.68 -14.90 -6.90
N THR A 212 47.62 -15.83 -6.79
CA THR A 212 47.49 -17.09 -7.50
C THR A 212 46.27 -17.86 -7.01
N ASP A 213 45.82 -18.81 -7.85
CA ASP A 213 44.76 -19.70 -7.42
C ASP A 213 45.08 -20.33 -6.08
N GLU A 214 46.34 -20.73 -5.90
CA GLU A 214 46.74 -21.38 -4.65
C GLU A 214 46.72 -20.38 -3.50
N GLN A 215 47.22 -19.17 -3.74
CA GLN A 215 47.22 -18.15 -2.72
C GLN A 215 45.81 -17.70 -2.36
N TRP A 216 44.84 -17.79 -3.29
CA TRP A 216 43.46 -17.44 -2.94
C TRP A 216 42.86 -18.47 -1.97
N ILE A 217 43.15 -19.75 -2.17
CA ILE A 217 42.68 -20.76 -1.23
C ILE A 217 43.23 -20.48 0.16
N THR A 218 44.52 -20.19 0.26
CA THR A 218 45.07 -19.82 1.56
C THR A 218 44.42 -18.55 2.09
N ILE A 219 44.27 -17.54 1.24
CA ILE A 219 43.62 -16.30 1.67
C ILE A 219 42.20 -16.59 2.13
N GLU A 220 41.41 -17.25 1.26
CA GLU A 220 40.03 -17.57 1.61
C GLU A 220 39.95 -18.35 2.91
N SER A 221 40.89 -19.28 3.13
N SER A 221 40.87 -19.30 3.12
CA SER A 221 40.91 -20.02 4.38
CA SER A 221 40.93 -20.02 4.38
C SER A 221 41.22 -19.11 5.56
C SER A 221 41.18 -19.07 5.55
N GLN A 222 42.15 -18.16 5.39
CA GLN A 222 42.47 -17.25 6.48
C GLN A 222 41.28 -16.34 6.82
N MET A 223 40.44 -16.04 5.83
CA MET A 223 39.27 -15.18 6.08
C MET A 223 38.18 -15.94 6.84
N ARG A 224 37.98 -17.22 6.52
N ARG A 224 38.00 -17.24 6.56
CA ARG A 224 37.05 -18.06 7.29
CA ARG A 224 37.02 -18.03 7.29
C ARG A 224 37.45 -18.13 8.76
C ARG A 224 37.44 -18.21 8.75
N ASP A 225 38.72 -18.42 9.02
CA ASP A 225 39.24 -18.42 10.39
CA ASP A 225 39.22 -18.42 10.40
C ASP A 225 38.79 -17.16 11.14
N LEU A 226 39.14 -15.98 10.59
CA LEU A 226 38.78 -14.71 11.21
C LEU A 226 37.30 -14.68 11.55
N ILE A 227 36.45 -15.04 10.60
CA ILE A 227 35.02 -14.88 10.82
C ILE A 227 34.51 -15.83 11.90
N LEU A 228 35.12 -17.03 12.03
CA LEU A 228 34.77 -17.95 13.12
C LEU A 228 35.26 -17.42 14.47
N THR A 229 36.58 -17.20 14.58
CA THR A 229 37.16 -16.57 15.76
C THR A 229 36.33 -15.39 16.25
N GLU A 230 36.39 -14.25 15.54
CA GLU A 230 35.67 -13.06 15.97
C GLU A 230 34.25 -13.34 16.39
N TYR A 231 33.69 -14.47 15.93
CA TYR A 231 32.41 -14.92 16.41
C TYR A 231 32.53 -15.62 17.77
N GLY A 232 33.69 -16.16 18.10
CA GLY A 232 33.97 -16.58 19.47
C GLY A 232 34.30 -15.38 20.34
N ARG A 233 35.37 -14.65 20.00
CA ARG A 233 35.69 -13.40 20.69
C ARG A 233 34.48 -12.51 20.90
N LYS A 234 33.44 -12.69 20.08
CA LYS A 234 32.18 -11.97 20.25
C LYS A 234 31.11 -12.78 20.97
N TYR A 235 31.15 -14.11 20.89
CA TYR A 235 30.20 -14.95 21.59
C TYR A 235 30.85 -15.84 22.65
N ASN A 236 32.13 -15.60 22.98
CA ASN A 236 32.89 -16.43 23.91
C ASN A 236 32.53 -17.91 23.75
N VAL A 237 33.07 -18.54 22.70
CA VAL A 237 32.77 -19.93 22.37
C VAL A 237 34.07 -20.65 22.02
N MET B 5 -44.28 10.05 3.37
CA MET B 5 -43.85 8.65 3.71
C MET B 5 -44.21 7.63 2.61
N ASN B 6 -43.25 6.81 2.17
CA ASN B 6 -43.51 5.87 1.08
C ASN B 6 -43.42 4.43 1.55
N THR B 7 -43.77 3.53 0.63
CA THR B 7 -44.07 2.15 0.93
C THR B 7 -43.37 1.24 -0.07
N VAL B 8 -42.73 0.17 0.43
CA VAL B 8 -42.22 -0.88 -0.44
C VAL B 8 -43.03 -2.13 -0.15
N PRO B 9 -44.08 -2.42 -0.93
CA PRO B 9 -44.87 -3.64 -0.69
C PRO B 9 -44.14 -4.90 -1.16
N PHE B 10 -44.49 -6.03 -0.57
CA PHE B 10 -44.02 -7.35 -0.98
C PHE B 10 -45.17 -8.19 -1.52
N THR B 11 -44.94 -8.89 -2.61
CA THR B 11 -46.00 -9.77 -3.08
C THR B 11 -46.31 -10.83 -2.04
N SER B 12 -45.28 -11.42 -1.48
CA SER B 12 -45.40 -12.46 -0.47
C SER B 12 -44.00 -12.72 0.08
N ALA B 13 -43.94 -13.56 1.12
CA ALA B 13 -42.68 -13.98 1.72
C ALA B 13 -42.61 -15.51 1.72
N PRO B 14 -42.30 -16.13 0.59
CA PRO B 14 -42.35 -17.61 0.56
C PRO B 14 -41.20 -18.30 1.25
N ILE B 15 -40.07 -17.65 1.50
CA ILE B 15 -38.98 -18.34 2.19
C ILE B 15 -38.54 -17.51 3.38
N GLU B 16 -38.18 -18.22 4.44
CA GLU B 16 -37.77 -17.60 5.69
C GLU B 16 -36.53 -16.76 5.44
N VAL B 17 -36.59 -15.50 5.88
CA VAL B 17 -35.59 -14.49 5.51
C VAL B 17 -35.55 -13.45 6.61
N THR B 18 -34.33 -13.00 6.88
CA THR B 18 -34.08 -11.78 7.64
C THR B 18 -34.00 -10.61 6.66
N ILE B 19 -34.87 -9.61 6.88
CA ILE B 19 -34.99 -8.44 6.02
C ILE B 19 -34.37 -7.27 6.76
N GLY B 20 -33.51 -6.53 6.11
CA GLY B 20 -33.06 -5.28 6.70
C GLY B 20 -33.44 -4.08 5.87
N ILE B 21 -33.74 -2.97 6.53
CA ILE B 21 -34.15 -1.74 5.84
C ILE B 21 -33.25 -0.69 6.50
N ASP B 22 -32.32 -0.11 5.78
CA ASP B 22 -31.30 0.78 6.40
C ASP B 22 -30.60 0.09 7.58
N GLN B 23 -30.53 0.64 8.82
CA GLN B 23 -29.75 0.11 9.94
C GLN B 23 -30.57 -0.89 10.75
N TYR B 24 -31.87 -1.10 10.43
CA TYR B 24 -32.78 -2.01 11.19
C TYR B 24 -32.92 -3.34 10.46
N SER B 25 -33.23 -4.39 11.20
CA SER B 25 -33.39 -5.76 10.68
C SER B 25 -34.52 -6.47 11.42
N PHE B 26 -35.29 -7.32 10.71
CA PHE B 26 -36.41 -8.09 11.29
C PHE B 26 -36.53 -9.42 10.56
N ASN B 27 -37.10 -10.41 11.24
CA ASN B 27 -37.22 -11.79 10.73
C ASN B 27 -38.61 -12.05 10.16
N VAL B 28 -38.71 -12.74 9.04
CA VAL B 28 -39.99 -13.18 8.47
C VAL B 28 -39.94 -14.69 8.28
N LYS B 29 -40.95 -15.39 8.80
CA LYS B 29 -40.96 -16.84 8.72
C LYS B 29 -41.51 -17.32 7.38
N GLU B 30 -41.13 -18.54 7.00
CA GLU B 30 -41.57 -19.12 5.74
C GLU B 30 -43.09 -19.06 5.59
N ASN B 31 -43.56 -18.41 4.52
CA ASN B 31 -44.98 -18.22 4.23
C ASN B 31 -45.74 -17.41 5.31
N GLN B 32 -45.05 -16.65 6.15
CA GLN B 32 -45.74 -15.73 7.06
C GLN B 32 -46.44 -14.65 6.25
N PRO B 33 -47.61 -14.16 6.71
CA PRO B 33 -48.37 -13.16 5.93
C PRO B 33 -47.81 -11.73 6.00
N PHE B 34 -46.74 -11.52 5.24
CA PHE B 34 -45.98 -10.27 5.27
C PHE B 34 -46.16 -9.57 3.93
N HIS B 35 -46.53 -8.28 3.96
CA HIS B 35 -46.66 -7.60 2.68
C HIS B 35 -45.93 -6.28 2.60
N GLY B 36 -44.84 -6.16 3.37
CA GLY B 36 -43.91 -5.04 3.15
C GLY B 36 -43.61 -4.13 4.32
N ILE B 37 -42.96 -3.03 3.99
CA ILE B 37 -42.51 -1.99 4.94
C ILE B 37 -43.22 -0.68 4.54
N LYS B 38 -43.87 0.00 5.46
CA LYS B 38 -44.54 1.29 5.19
C LYS B 38 -43.80 2.40 5.95
N ASP B 39 -44.22 3.67 5.77
CA ASP B 39 -43.72 4.82 6.52
C ASP B 39 -42.22 5.06 6.29
N ILE B 40 -41.73 4.83 5.08
CA ILE B 40 -40.30 5.00 4.80
C ILE B 40 -40.02 6.48 4.54
N PRO B 41 -39.08 7.09 5.26
CA PRO B 41 -38.87 8.54 5.10
C PRO B 41 -38.44 8.92 3.71
N ILE B 42 -39.15 9.85 3.16
CA ILE B 42 -38.82 10.48 1.91
C ILE B 42 -37.65 11.45 2.13
N GLY B 43 -36.80 11.51 1.15
CA GLY B 43 -35.73 12.47 1.13
C GLY B 43 -34.38 11.84 1.29
N HIS B 44 -34.32 10.53 1.48
CA HIS B 44 -33.05 9.86 1.58
C HIS B 44 -33.03 8.70 0.61
N VAL B 45 -31.84 8.22 0.31
N VAL B 45 -31.83 8.27 0.24
CA VAL B 45 -31.67 6.91 -0.32
CA VAL B 45 -31.73 6.90 -0.32
C VAL B 45 -31.77 5.82 0.75
C VAL B 45 -32.01 5.88 0.78
N HIS B 46 -32.30 4.66 0.35
CA HIS B 46 -32.56 3.59 1.27
C HIS B 46 -31.97 2.31 0.69
N VAL B 47 -31.82 1.32 1.55
CA VAL B 47 -31.40 -0.01 1.12
C VAL B 47 -32.26 -1.02 1.83
N ILE B 48 -32.79 -1.97 1.07
N ILE B 48 -32.84 -1.94 1.06
CA ILE B 48 -33.53 -3.08 1.58
CA ILE B 48 -33.54 -3.09 1.58
C ILE B 48 -32.73 -4.35 1.25
C ILE B 48 -32.67 -4.31 1.27
N HIS B 49 -32.45 -5.16 2.26
CA HIS B 49 -31.50 -6.25 2.09
C HIS B 49 -32.00 -7.52 2.75
N PHE B 50 -31.35 -8.66 2.39
CA PHE B 50 -31.93 -9.96 2.59
C PHE B 50 -30.83 -10.94 2.99
N GLN B 51 -31.10 -11.76 3.99
CA GLN B 51 -30.30 -12.94 4.28
C GLN B 51 -31.24 -14.12 4.53
N HIS B 52 -31.17 -15.12 3.64
CA HIS B 52 -32.07 -16.24 3.79
C HIS B 52 -31.70 -17.07 5.03
N ALA B 53 -32.73 -17.62 5.65
CA ALA B 53 -32.52 -18.45 6.83
C ALA B 53 -31.66 -19.66 6.49
N ASP B 54 -31.94 -20.31 5.36
CA ASP B 54 -31.23 -21.53 5.01
C ASP B 54 -29.77 -21.26 4.72
N ASN B 55 -29.49 -20.25 3.89
CA ASN B 55 -28.15 -19.99 3.38
C ASN B 55 -27.74 -18.61 3.84
N SER B 56 -27.01 -18.54 4.95
CA SER B 56 -26.42 -17.29 5.38
C SER B 56 -25.36 -16.79 4.40
N SER B 57 -25.00 -17.58 3.40
CA SER B 57 -24.16 -17.10 2.31
C SER B 57 -24.98 -16.21 1.36
N MET B 58 -24.34 -15.16 0.85
N MET B 58 -24.32 -15.14 0.90
CA MET B 58 -25.03 -14.18 0.02
CA MET B 58 -24.89 -14.13 0.02
C MET B 58 -26.00 -13.37 0.89
C MET B 58 -25.96 -13.31 0.75
N ARG B 59 -25.52 -12.26 1.43
CA ARG B 59 -26.41 -11.14 1.75
C ARG B 59 -26.58 -10.39 0.43
N TYR B 60 -27.78 -9.89 0.13
CA TYR B 60 -27.97 -9.14 -1.08
C TYR B 60 -29.06 -8.09 -0.80
N GLY B 61 -29.16 -7.10 -1.67
CA GLY B 61 -30.16 -6.05 -1.45
C GLY B 61 -30.17 -5.02 -2.57
N TYR B 62 -30.98 -3.98 -2.35
CA TYR B 62 -31.34 -3.01 -3.37
C TYR B 62 -31.26 -1.62 -2.77
N TRP B 63 -30.45 -0.75 -3.37
CA TRP B 63 -30.44 0.68 -3.09
C TRP B 63 -31.53 1.35 -3.93
N PHE B 64 -32.35 2.20 -3.31
CA PHE B 64 -33.45 2.83 -4.00
C PHE B 64 -33.80 4.16 -3.33
N ASP B 65 -34.59 4.94 -4.05
CA ASP B 65 -35.07 6.25 -3.62
C ASP B 65 -36.50 6.34 -4.11
N CYS B 66 -37.42 6.37 -3.15
CA CYS B 66 -38.86 6.33 -3.44
C CYS B 66 -39.34 7.53 -4.27
N ARG B 67 -38.57 8.60 -4.33
CA ARG B 67 -38.97 9.69 -5.21
C ARG B 67 -38.84 9.31 -6.67
N MET B 68 -38.13 8.24 -6.98
N MET B 68 -38.13 8.24 -6.97
CA MET B 68 -37.82 7.89 -8.37
CA MET B 68 -37.81 7.88 -8.36
C MET B 68 -38.72 6.80 -8.93
C MET B 68 -38.77 6.86 -8.96
N GLY B 69 -39.71 6.35 -8.18
CA GLY B 69 -40.63 5.36 -8.72
C GLY B 69 -41.30 4.58 -7.63
N ASN B 70 -42.30 3.79 -8.04
CA ASN B 70 -42.99 2.86 -7.18
C ASN B 70 -42.33 1.49 -7.28
N PHE B 71 -41.74 1.02 -6.18
CA PHE B 71 -40.97 -0.20 -6.21
C PHE B 71 -41.61 -1.20 -5.25
N TYR B 72 -41.54 -2.48 -5.62
CA TYR B 72 -42.03 -3.54 -4.76
C TYR B 72 -41.06 -4.71 -4.83
N ILE B 73 -41.26 -5.66 -3.92
CA ILE B 73 -40.45 -6.88 -3.83
C ILE B 73 -41.30 -8.10 -4.15
N GLN B 74 -40.72 -9.02 -4.93
CA GLN B 74 -41.41 -10.25 -5.29
C GLN B 74 -40.39 -11.37 -5.33
N TYR B 75 -40.64 -12.46 -4.61
CA TYR B 75 -39.74 -13.60 -4.65
C TYR B 75 -39.80 -14.25 -6.02
N ASP B 76 -38.63 -14.60 -6.56
CA ASP B 76 -38.52 -15.34 -7.82
C ASP B 76 -38.05 -16.77 -7.51
N PRO B 77 -38.91 -17.76 -7.65
CA PRO B 77 -38.51 -19.14 -7.29
C PRO B 77 -37.54 -19.79 -8.27
N LYS B 78 -37.34 -19.18 -9.44
CA LYS B 78 -36.36 -19.72 -10.38
C LYS B 78 -34.96 -19.28 -9.99
N ASP B 79 -34.77 -17.97 -9.78
CA ASP B 79 -33.45 -17.47 -9.41
C ASP B 79 -33.24 -17.49 -7.91
N GLY B 80 -34.29 -17.71 -7.16
CA GLY B 80 -34.17 -18.01 -5.76
C GLY B 80 -33.86 -16.76 -4.94
N LEU B 81 -34.38 -15.63 -5.35
CA LEU B 81 -34.19 -14.51 -4.43
C LEU B 81 -35.35 -13.52 -4.52
N TYR B 82 -35.37 -12.63 -3.55
CA TYR B 82 -36.36 -11.55 -3.50
C TYR B 82 -35.89 -10.45 -4.44
N LYS B 83 -36.69 -10.13 -5.46
CA LYS B 83 -36.28 -9.22 -6.50
C LYS B 83 -37.03 -7.91 -6.35
N MET B 84 -36.33 -6.80 -6.51
CA MET B 84 -37.00 -5.51 -6.53
C MET B 84 -37.49 -5.29 -7.95
N MET B 85 -38.67 -4.69 -8.07
CA MET B 85 -39.26 -4.37 -9.35
C MET B 85 -39.93 -3.01 -9.30
N GLU B 86 -40.12 -2.39 -10.46
CA GLU B 86 -40.84 -1.13 -10.56
C GLU B 86 -42.23 -1.35 -11.12
N GLU B 87 -43.23 -0.76 -10.49
CA GLU B 87 -44.59 -0.77 -11.02
C GLU B 87 -44.85 0.56 -11.70
N ARG B 88 -45.16 0.51 -13.00
CA ARG B 88 -45.37 1.75 -13.74
C ARG B 88 -46.80 2.28 -13.59
N ASP B 89 -47.77 1.39 -13.42
CA ASP B 89 -49.17 1.78 -13.26
C ASP B 89 -49.40 2.33 -11.87
N GLY B 90 -49.47 3.65 -11.75
CA GLY B 90 -49.54 4.27 -10.44
C GLY B 90 -50.84 4.00 -9.70
N ALA B 91 -51.96 3.92 -10.42
CA ALA B 91 -53.24 3.68 -9.75
C ALA B 91 -53.33 2.26 -9.26
N LYS B 92 -52.75 1.32 -10.01
CA LYS B 92 -52.66 -0.06 -9.56
C LYS B 92 -51.89 -0.17 -8.25
N PHE B 93 -50.76 0.54 -8.15
CA PHE B 93 -49.89 0.46 -6.98
C PHE B 93 -50.55 1.05 -5.76
N GLU B 94 -51.06 2.28 -5.87
CA GLU B 94 -51.75 2.88 -4.73
C GLU B 94 -52.84 1.96 -4.19
N ASN B 95 -53.56 1.29 -5.10
CA ASN B 95 -54.66 0.42 -4.67
C ASN B 95 -54.14 -0.81 -3.97
N ILE B 96 -53.08 -1.42 -4.48
CA ILE B 96 -52.44 -2.53 -3.78
C ILE B 96 -52.01 -2.09 -2.39
N VAL B 97 -51.20 -1.02 -2.31
CA VAL B 97 -50.67 -0.61 -1.02
C VAL B 97 -51.81 -0.30 -0.05
N HIS B 98 -52.82 0.45 -0.50
CA HIS B 98 -53.94 0.78 0.38
C HIS B 98 -54.62 -0.47 0.95
N ASN B 99 -54.82 -1.53 0.14
CA ASN B 99 -55.41 -2.75 0.66
C ASN B 99 -54.51 -3.40 1.73
N PHE B 100 -53.18 -3.42 1.51
CA PHE B 100 -52.26 -4.06 2.46
C PHE B 100 -52.17 -3.27 3.78
N LYS B 101 -52.20 -1.93 3.68
CA LYS B 101 -52.26 -1.12 4.89
C LYS B 101 -53.57 -1.32 5.64
N GLU B 102 -54.69 -1.41 4.92
CA GLU B 102 -55.97 -1.65 5.60
C GLU B 102 -55.95 -2.98 6.36
N ARG B 103 -55.38 -4.03 5.75
CA ARG B 103 -55.30 -5.30 6.46
C ARG B 103 -54.10 -5.39 7.40
N GLN B 104 -53.32 -4.31 7.53
CA GLN B 104 -52.23 -4.18 8.51
C GLN B 104 -51.16 -5.26 8.35
N MET B 105 -50.78 -5.56 7.12
CA MET B 105 -49.80 -6.61 6.85
C MET B 105 -48.42 -6.03 6.58
N MET B 106 -48.22 -4.75 6.85
CA MET B 106 -46.89 -4.16 6.58
C MET B 106 -46.27 -3.70 7.89
N VAL B 107 -44.98 -3.93 8.09
CA VAL B 107 -44.31 -3.41 9.31
C VAL B 107 -43.97 -1.94 9.06
N SER B 108 -43.63 -1.22 10.10
CA SER B 108 -43.45 0.25 10.00
C SER B 108 -41.98 0.63 10.15
N TYR B 109 -41.46 1.48 9.25
CA TYR B 109 -40.08 2.00 9.37
C TYR B 109 -40.09 2.66 10.75
N PRO B 110 -39.32 2.16 11.74
CA PRO B 110 -39.43 2.62 13.12
C PRO B 110 -38.46 3.77 13.40
N LYS B 111 -38.73 4.92 12.80
CA LYS B 111 -37.83 6.09 12.95
C LYS B 111 -38.05 6.77 14.31
N ILE B 112 -37.13 6.63 15.27
CA ILE B 112 -37.18 7.49 16.45
C ILE B 112 -36.98 8.94 16.02
N ASP B 113 -37.84 9.84 16.53
CA ASP B 113 -37.84 11.20 16.02
C ASP B 113 -36.55 11.95 16.33
N GLU B 114 -35.94 11.69 17.50
CA GLU B 114 -34.64 12.27 17.85
C GLU B 114 -33.49 11.73 16.99
N ASP B 115 -33.74 10.74 16.14
CA ASP B 115 -32.70 9.89 15.61
C ASP B 115 -32.28 10.37 14.22
N ASP B 116 -31.05 10.90 14.12
CA ASP B 116 -30.50 11.33 12.85
C ASP B 116 -29.49 10.31 12.27
N THR B 117 -29.48 9.06 12.74
CA THR B 117 -28.42 8.14 12.29
C THR B 117 -28.43 7.97 10.77
N TRP B 118 -29.60 7.68 10.18
CA TRP B 118 -29.57 7.34 8.75
C TRP B 118 -29.17 8.55 7.93
N TYR B 119 -29.64 9.75 8.30
CA TYR B 119 -29.19 10.95 7.62
C TYR B 119 -27.66 11.10 7.72
N ASN B 120 -27.12 10.88 8.92
CA ASN B 120 -25.70 11.11 9.09
C ASN B 120 -24.87 10.10 8.31
N LEU B 121 -25.45 8.96 7.93
CA LEU B 121 -24.72 7.92 7.21
C LEU B 121 -24.86 8.05 5.70
N THR B 122 -25.91 8.74 5.24
CA THR B 122 -26.19 8.91 3.81
C THR B 122 -26.21 10.38 3.38
N GLU B 123 -25.65 11.29 4.18
CA GLU B 123 -25.74 12.72 3.90
C GLU B 123 -25.39 13.07 2.47
N PHE B 124 -24.28 12.49 1.93
CA PHE B 124 -23.79 12.83 0.62
C PHE B 124 -24.08 11.78 -0.42
N VAL B 125 -24.89 10.78 -0.09
CA VAL B 125 -25.15 9.65 -0.99
C VAL B 125 -26.36 9.99 -1.85
N GLN B 126 -26.20 9.88 -3.17
N GLN B 126 -26.16 9.95 -3.17
CA GLN B 126 -27.21 10.27 -4.14
CA GLN B 126 -27.19 10.24 -4.16
C GLN B 126 -27.45 9.14 -5.13
C GLN B 126 -27.46 9.00 -4.99
N MET B 127 -28.72 8.79 -5.34
CA MET B 127 -29.06 7.66 -6.21
C MET B 127 -28.39 7.78 -7.57
N ASP B 128 -28.26 8.99 -8.11
CA ASP B 128 -27.63 9.11 -9.42
C ASP B 128 -26.18 8.63 -9.38
N LYS B 129 -25.47 8.84 -8.26
CA LYS B 129 -24.07 8.41 -8.20
C LYS B 129 -23.96 6.91 -7.91
N ILE B 130 -24.85 6.40 -7.06
CA ILE B 130 -24.94 4.95 -6.86
C ILE B 130 -25.04 4.26 -8.20
N ARG B 131 -25.89 4.77 -9.10
CA ARG B 131 -26.18 4.07 -10.35
C ARG B 131 -24.99 4.03 -11.29
N LYS B 132 -24.03 4.95 -11.12
CA LYS B 132 -22.81 4.91 -11.92
C LYS B 132 -21.77 3.96 -11.33
N ILE B 133 -21.79 3.73 -10.02
CA ILE B 133 -20.96 2.68 -9.45
C ILE B 133 -21.53 1.31 -9.78
N VAL B 134 -22.87 1.18 -9.80
CA VAL B 134 -23.57 -0.10 -10.01
C VAL B 134 -24.32 0.03 -11.33
N ARG B 135 -23.79 -0.56 -12.39
CA ARG B 135 -24.33 -0.34 -13.72
C ARG B 135 -25.41 -1.37 -14.02
N LYS B 136 -26.63 -0.88 -14.26
CA LYS B 136 -27.76 -1.70 -14.70
C LYS B 136 -28.90 -0.76 -15.04
N ASP B 137 -28.76 -0.05 -16.16
CA ASP B 137 -29.44 1.21 -16.35
C ASP B 137 -30.91 1.09 -16.72
N GLU B 138 -31.40 -0.12 -17.01
CA GLU B 138 -32.84 -0.29 -17.19
C GLU B 138 -33.63 -0.26 -15.88
N ASN B 139 -32.96 -0.19 -14.74
CA ASN B 139 -33.61 -0.11 -13.44
C ASN B 139 -33.20 1.16 -12.71
N GLN B 140 -34.16 1.76 -12.00
CA GLN B 140 -33.95 2.94 -11.16
C GLN B 140 -33.33 2.62 -9.80
N PHE B 141 -33.23 1.34 -9.46
CA PHE B 141 -32.69 0.86 -8.21
C PHE B 141 -31.49 -0.01 -8.54
N SER B 142 -30.62 -0.24 -7.55
CA SER B 142 -29.32 -0.87 -7.80
C SER B 142 -29.09 -2.05 -6.89
N TYR B 143 -28.79 -3.22 -7.46
CA TYR B 143 -28.51 -4.43 -6.70
C TYR B 143 -27.05 -4.51 -6.30
N VAL B 144 -26.82 -4.93 -5.06
CA VAL B 144 -25.48 -5.23 -4.52
C VAL B 144 -25.57 -6.51 -3.70
N ASP B 145 -24.50 -7.34 -3.71
CA ASP B 145 -24.41 -8.46 -2.79
C ASP B 145 -22.98 -8.63 -2.26
N SER B 146 -22.81 -9.61 -1.37
CA SER B 146 -21.55 -9.80 -0.69
C SER B 146 -20.42 -10.13 -1.67
N SER B 147 -20.72 -10.85 -2.73
CA SER B 147 -19.66 -11.42 -3.56
C SER B 147 -19.17 -10.48 -4.64
N MET B 148 -19.87 -9.39 -4.94
CA MET B 148 -19.48 -8.56 -6.05
C MET B 148 -18.08 -7.97 -5.86
N THR B 149 -17.32 -7.95 -6.94
CA THR B 149 -15.95 -7.42 -6.91
C THR B 149 -15.94 -6.05 -7.53
N THR B 150 -14.87 -5.32 -7.23
CA THR B 150 -14.68 -3.96 -7.70
C THR B 150 -13.83 -3.98 -8.97
N VAL B 151 -13.95 -2.89 -9.73
CA VAL B 151 -13.14 -2.71 -10.94
C VAL B 151 -11.66 -2.91 -10.64
N GLN B 152 -11.14 -2.22 -9.63
CA GLN B 152 -9.73 -2.39 -9.27
C GLN B 152 -9.43 -3.83 -8.86
N GLU B 153 -10.36 -4.49 -8.19
CA GLU B 153 -10.17 -5.90 -7.84
C GLU B 153 -9.95 -6.74 -9.10
N ASN B 154 -10.81 -6.54 -10.12
CA ASN B 154 -10.69 -7.27 -11.38
C ASN B 154 -9.38 -6.99 -12.11
N GLU B 155 -8.72 -5.87 -11.80
CA GLU B 155 -7.40 -5.56 -12.31
C GLU B 155 -6.29 -6.23 -11.52
N LEU B 156 -6.61 -6.97 -10.47
CA LEU B 156 -5.62 -7.65 -9.64
C LEU B 156 -5.95 -9.15 -9.51
N SER B 161 -14.54 -11.60 -12.06
CA SER B 161 -13.98 -11.45 -13.40
C SER B 161 -15.02 -10.94 -14.39
N ASP B 162 -16.28 -10.78 -13.94
CA ASP B 162 -17.36 -10.31 -14.81
C ASP B 162 -17.54 -8.81 -14.64
N PRO B 163 -17.36 -7.99 -15.69
CA PRO B 163 -17.49 -6.53 -15.52
C PRO B 163 -18.92 -6.05 -15.31
N ALA B 164 -19.93 -6.73 -15.90
CA ALA B 164 -21.31 -6.25 -15.78
C ALA B 164 -21.78 -6.22 -14.34
N HIS B 165 -21.21 -7.08 -13.50
CA HIS B 165 -21.62 -7.27 -12.12
C HIS B 165 -20.59 -6.70 -11.15
N SER B 166 -19.84 -5.70 -11.58
CA SER B 166 -18.78 -5.11 -10.77
C SER B 166 -19.28 -3.85 -10.07
N LEU B 167 -18.56 -3.49 -9.02
CA LEU B 167 -18.71 -2.21 -8.35
C LEU B 167 -17.65 -1.27 -8.91
N ASN B 168 -18.08 -0.27 -9.67
N ASN B 168 -18.10 -0.26 -9.64
CA ASN B 168 -17.14 0.63 -10.37
CA ASN B 168 -17.23 0.68 -10.36
C ASN B 168 -16.76 1.83 -9.51
C ASN B 168 -16.83 1.85 -9.46
N TYR B 169 -16.15 1.53 -8.37
CA TYR B 169 -15.65 2.59 -7.52
C TYR B 169 -14.49 3.30 -8.23
N THR B 170 -14.22 4.50 -7.78
CA THR B 170 -13.06 5.24 -8.28
C THR B 170 -11.79 4.54 -7.83
N VAL B 171 -10.94 4.18 -8.77
CA VAL B 171 -9.71 3.49 -8.41
C VAL B 171 -8.73 4.47 -7.76
N ILE B 172 -8.20 4.08 -6.61
CA ILE B 172 -7.19 4.82 -5.88
C ILE B 172 -6.01 3.87 -5.70
N ASN B 173 -4.80 4.33 -6.00
CA ASN B 173 -3.62 3.47 -5.89
C ASN B 173 -2.45 4.42 -5.64
N PHE B 174 -1.86 4.34 -4.45
CA PHE B 174 -0.84 5.29 -4.00
C PHE B 174 0.49 5.14 -4.72
N LYS B 175 0.73 4.02 -5.37
CA LYS B 175 1.97 3.81 -6.15
C LYS B 175 1.57 3.65 -7.61
N SER B 176 1.14 4.75 -8.20
CA SER B 176 0.68 4.79 -9.57
C SER B 176 1.09 6.13 -10.16
N ARG B 177 1.17 6.17 -11.48
CA ARG B 177 1.52 7.41 -12.13
C ARG B 177 0.43 8.46 -11.95
N GLU B 178 -0.83 8.07 -11.83
CA GLU B 178 -1.82 9.12 -11.55
C GLU B 178 -1.51 9.78 -10.23
N ALA B 179 -0.99 8.99 -9.27
CA ALA B 179 -0.80 9.47 -7.91
C ALA B 179 0.49 10.24 -7.73
N ILE B 180 1.46 10.11 -8.66
CA ILE B 180 2.84 10.50 -8.46
C ILE B 180 3.27 11.34 -9.65
N ARG B 181 3.56 12.60 -9.40
CA ARG B 181 4.05 13.51 -10.43
C ARG B 181 5.51 13.22 -10.75
N PRO B 182 5.87 13.06 -12.03
CA PRO B 182 7.28 12.94 -12.40
C PRO B 182 8.10 14.05 -11.76
N GLY B 183 9.17 13.67 -11.07
CA GLY B 183 10.02 14.63 -10.39
C GLY B 183 9.62 14.98 -8.98
N HIS B 184 8.39 14.66 -8.58
CA HIS B 184 7.90 14.87 -7.23
C HIS B 184 7.69 13.56 -6.48
N GLU B 185 8.42 12.51 -6.88
CA GLU B 185 8.21 11.17 -6.37
C GLU B 185 8.13 11.15 -4.85
N MET B 186 9.18 11.63 -4.18
CA MET B 186 9.17 11.57 -2.73
C MET B 186 8.09 12.50 -2.19
N GLU B 187 7.99 13.70 -2.76
CA GLU B 187 7.04 14.65 -2.20
C GLU B 187 5.62 14.09 -2.27
N ASP B 188 5.26 13.55 -3.42
CA ASP B 188 3.88 13.13 -3.61
C ASP B 188 3.56 11.83 -2.89
N PHE B 189 4.55 10.97 -2.66
CA PHE B 189 4.27 9.72 -1.97
C PHE B 189 4.15 9.93 -0.47
N LEU B 190 4.89 10.88 0.08
CA LEU B 190 4.83 11.11 1.52
C LEU B 190 3.72 12.08 1.92
N ASP B 191 3.23 12.90 0.98
CA ASP B 191 2.15 13.88 1.23
C ASP B 191 1.27 13.86 -0.01
N LYS B 192 0.08 13.25 0.11
CA LYS B 192 -0.74 12.94 -1.05
C LYS B 192 -1.68 14.07 -1.44
N SER B 193 -1.40 15.32 -1.01
CA SER B 193 -2.33 16.44 -1.24
C SER B 193 -2.60 16.65 -2.74
N TYR B 194 -1.58 16.47 -3.58
N TYR B 194 -1.55 16.51 -3.56
N TYR B 194 -1.57 16.50 -3.57
CA TYR B 194 -1.82 16.72 -5.01
CA TYR B 194 -1.71 16.65 -5.01
CA TYR B 194 -1.78 16.70 -4.99
C TYR B 194 -2.75 15.67 -5.60
C TYR B 194 -2.75 15.69 -5.52
C TYR B 194 -2.78 15.69 -5.55
N TYR B 195 -2.61 14.42 -5.17
CA TYR B 195 -3.50 13.37 -5.63
C TYR B 195 -4.90 13.59 -5.08
N LEU B 196 -5.00 14.01 -3.81
CA LEU B 196 -6.32 14.30 -3.23
C LEU B 196 -6.96 15.48 -3.92
N ASN B 197 -6.30 16.65 -3.84
CA ASN B 197 -6.97 17.91 -4.17
C ASN B 197 -7.04 18.15 -5.68
N THR B 198 -6.01 17.75 -6.42
CA THR B 198 -5.99 18.03 -7.85
C THR B 198 -6.48 16.87 -8.70
N VAL B 199 -5.93 15.67 -8.50
CA VAL B 199 -6.33 14.53 -9.31
C VAL B 199 -7.77 14.14 -8.99
N MET B 200 -8.07 13.90 -7.72
CA MET B 200 -9.34 13.27 -7.38
C MET B 200 -10.44 14.31 -7.19
N LEU B 201 -10.22 15.27 -6.30
CA LEU B 201 -11.24 16.26 -5.99
C LEU B 201 -11.57 17.14 -7.20
N GLN B 202 -10.57 17.85 -7.72
N GLN B 202 -10.57 17.86 -7.72
CA GLN B 202 -10.80 18.74 -8.86
CA GLN B 202 -10.81 18.75 -8.86
C GLN B 202 -11.03 17.95 -10.14
C GLN B 202 -11.02 17.97 -10.15
N GLY B 203 -10.17 16.94 -10.37
CA GLY B 203 -10.25 16.18 -11.60
C GLY B 203 -11.42 15.21 -11.72
N ILE B 204 -11.57 14.30 -10.77
CA ILE B 204 -12.46 13.14 -10.94
C ILE B 204 -13.81 13.36 -10.25
N PHE B 205 -13.79 13.76 -8.98
CA PHE B 205 -15.02 13.90 -8.23
C PHE B 205 -15.68 15.26 -8.40
N LYS B 206 -14.90 16.29 -8.78
CA LYS B 206 -15.40 17.64 -8.96
C LYS B 206 -15.54 18.41 -7.64
N ASN B 207 -16.09 17.78 -6.59
CA ASN B 207 -16.28 18.46 -5.30
C ASN B 207 -16.21 17.42 -4.17
N SER B 208 -16.09 17.90 -2.92
CA SER B 208 -15.95 16.94 -1.82
C SER B 208 -17.25 16.23 -1.49
N SER B 209 -18.40 16.79 -1.87
CA SER B 209 -19.66 16.09 -1.62
C SER B 209 -19.72 14.76 -2.37
N ASN B 210 -19.27 14.75 -3.63
CA ASN B 210 -19.25 13.51 -4.40
C ASN B 210 -18.22 12.53 -3.84
N TYR B 211 -17.07 13.03 -3.36
CA TYR B 211 -16.09 12.17 -2.71
C TYR B 211 -16.69 11.51 -1.47
N PHE B 212 -17.29 12.33 -0.59
CA PHE B 212 -17.87 11.81 0.63
C PHE B 212 -19.03 10.87 0.31
N GLY B 213 -19.72 11.11 -0.81
CA GLY B 213 -20.84 10.24 -1.18
C GLY B 213 -20.37 8.82 -1.51
N GLU B 214 -19.28 8.71 -2.27
CA GLU B 214 -18.70 7.41 -2.58
C GLU B 214 -18.13 6.76 -1.33
N LEU B 215 -17.44 7.54 -0.49
CA LEU B 215 -16.93 6.98 0.76
C LEU B 215 -18.05 6.41 1.64
N GLN B 216 -19.16 7.15 1.80
CA GLN B 216 -20.27 6.67 2.60
C GLN B 216 -20.93 5.44 1.97
N PHE B 217 -21.05 5.41 0.66
CA PHE B 217 -21.65 4.25 -0.01
C PHE B 217 -20.78 3.02 0.17
N ALA B 218 -19.46 3.18 0.03
CA ALA B 218 -18.56 2.05 0.25
C ALA B 218 -18.69 1.52 1.67
N PHE B 219 -18.74 2.38 2.69
CA PHE B 219 -18.88 1.86 4.03
C PHE B 219 -20.17 1.08 4.18
N LEU B 220 -21.26 1.62 3.65
CA LEU B 220 -22.53 0.95 3.86
C LEU B 220 -22.57 -0.43 3.19
N ASN B 221 -21.98 -0.54 1.99
CA ASN B 221 -21.94 -1.85 1.33
CA ASN B 221 -21.92 -1.83 1.31
C ASN B 221 -21.03 -2.81 2.08
N ALA B 222 -19.92 -2.30 2.63
CA ALA B 222 -19.10 -3.14 3.50
C ALA B 222 -19.88 -3.65 4.71
N MET B 223 -20.60 -2.73 5.43
CA MET B 223 -21.27 -3.09 6.67
C MET B 223 -22.49 -3.96 6.41
N PHE B 224 -23.28 -3.63 5.38
CA PHE B 224 -24.52 -4.37 5.24
C PHE B 224 -24.33 -5.67 4.50
N PHE B 225 -23.39 -5.76 3.57
CA PHE B 225 -23.21 -6.99 2.80
C PHE B 225 -21.89 -7.68 3.09
N GLY B 226 -21.08 -7.15 4.00
CA GLY B 226 -19.73 -7.70 4.13
C GLY B 226 -19.00 -7.74 2.81
N ASN B 227 -19.19 -6.72 1.98
CA ASN B 227 -18.54 -6.64 0.69
C ASN B 227 -17.09 -6.23 0.89
N TYR B 228 -16.16 -7.16 0.67
CA TYR B 228 -14.75 -6.88 0.97
C TYR B 228 -14.18 -5.76 0.13
N GLY B 229 -14.51 -5.72 -1.18
CA GLY B 229 -13.98 -4.66 -2.02
C GLY B 229 -14.45 -3.27 -1.63
N SER B 230 -15.65 -3.18 -1.09
CA SER B 230 -16.14 -1.89 -0.59
C SER B 230 -15.36 -1.45 0.65
N SER B 231 -15.09 -2.38 1.55
CA SER B 231 -14.30 -2.05 2.73
C SER B 231 -12.93 -1.51 2.35
N LEU B 232 -12.28 -2.12 1.33
CA LEU B 232 -11.01 -1.60 0.81
C LEU B 232 -11.17 -0.18 0.28
N GLN B 233 -12.29 0.07 -0.44
CA GLN B 233 -12.50 1.40 -1.00
C GLN B 233 -12.67 2.42 0.13
N TRP B 234 -13.53 2.11 1.10
CA TRP B 234 -13.76 3.00 2.26
C TRP B 234 -12.43 3.33 2.93
N HIS B 235 -11.61 2.31 3.24
CA HIS B 235 -10.33 2.61 3.91
C HIS B 235 -9.40 3.42 3.03
N ALA B 236 -9.41 3.18 1.72
CA ALA B 236 -8.51 3.93 0.86
C ALA B 236 -8.89 5.39 0.85
N MET B 237 -10.19 5.68 0.78
CA MET B 237 -10.61 7.08 0.70
C MET B 237 -10.32 7.84 1.98
N ILE B 238 -10.40 7.17 3.12
CA ILE B 238 -9.99 7.74 4.39
C ILE B 238 -8.50 8.00 4.37
N GLU B 239 -7.74 6.97 4.00
CA GLU B 239 -6.28 7.08 4.03
C GLU B 239 -5.78 8.20 3.14
N LEU B 240 -6.36 8.36 1.92
CA LEU B 240 -5.91 9.46 1.05
C LEU B 240 -6.09 10.83 1.69
N ILE B 241 -7.17 11.01 2.47
CA ILE B 241 -7.33 12.30 3.13
C ILE B 241 -6.36 12.42 4.30
N CYS B 242 -6.25 11.37 5.11
CA CYS B 242 -5.40 11.47 6.30
C CYS B 242 -3.93 11.64 5.92
N SER B 243 -3.54 11.18 4.72
CA SER B 243 -2.17 11.23 4.26
C SER B 243 -1.84 12.47 3.46
N SER B 244 -2.78 13.41 3.36
CA SER B 244 -2.58 14.70 2.72
C SER B 244 -2.33 15.74 3.81
N ALA B 245 -1.20 16.45 3.69
CA ALA B 245 -0.90 17.55 4.60
C ALA B 245 -1.83 18.74 4.39
N THR B 246 -2.37 18.91 3.19
CA THR B 246 -3.19 20.07 2.86
C THR B 246 -4.57 19.57 2.47
N VAL B 247 -5.54 19.83 3.34
CA VAL B 247 -6.94 19.48 3.12
C VAL B 247 -7.81 20.66 3.57
N PRO B 248 -8.79 21.10 2.78
CA PRO B 248 -9.72 22.11 3.27
C PRO B 248 -10.24 21.83 4.66
N LYS B 249 -10.32 22.88 5.47
CA LYS B 249 -10.71 22.73 6.86
C LYS B 249 -12.13 22.21 6.99
N HIS B 250 -13.00 22.51 6.02
CA HIS B 250 -14.39 22.05 6.11
C HIS B 250 -14.50 20.56 5.80
N MET B 251 -13.61 20.06 4.95
CA MET B 251 -13.58 18.64 4.63
C MET B 251 -13.13 17.83 5.83
N LEU B 252 -12.13 18.31 6.56
CA LEU B 252 -11.68 17.59 7.74
C LEU B 252 -12.77 17.57 8.80
N ASP B 253 -13.45 18.70 8.98
CA ASP B 253 -14.50 18.74 9.97
C ASP B 253 -15.64 17.81 9.57
N LYS B 254 -15.97 17.74 8.28
CA LYS B 254 -17.07 16.85 7.90
C LYS B 254 -16.62 15.40 7.95
N LEU B 255 -15.37 15.10 7.55
CA LEU B 255 -14.86 13.74 7.64
C LEU B 255 -14.97 13.21 9.06
N ASP B 256 -14.50 14.00 10.04
CA ASP B 256 -14.63 13.58 11.44
C ASP B 256 -16.07 13.19 11.78
N GLU B 257 -17.04 13.99 11.32
CA GLU B 257 -18.43 13.67 11.63
C GLU B 257 -18.86 12.40 10.90
N ILE B 258 -18.44 12.26 9.64
CA ILE B 258 -18.87 11.10 8.87
C ILE B 258 -18.40 9.82 9.55
N LEU B 259 -17.12 9.81 9.89
CA LEU B 259 -16.51 8.61 10.43
C LEU B 259 -17.06 8.30 11.80
N TYR B 260 -17.29 9.35 12.62
CA TYR B 260 -17.91 9.14 13.92
C TYR B 260 -19.15 8.28 13.82
N TYR B 261 -20.07 8.67 12.95
CA TYR B 261 -21.35 7.94 12.87
C TYR B 261 -21.20 6.56 12.27
N GLN B 262 -20.21 6.37 11.39
CA GLN B 262 -19.94 5.05 10.84
C GLN B 262 -19.43 4.11 11.92
N ILE B 263 -18.43 4.59 12.67
CA ILE B 263 -17.91 3.84 13.81
C ILE B 263 -19.00 3.63 14.84
N LYS B 264 -19.86 4.63 15.04
CA LYS B 264 -20.92 4.44 16.04
C LYS B 264 -21.92 3.37 15.61
N THR B 265 -22.17 3.22 14.33
CA THR B 265 -23.24 2.34 13.88
C THR B 265 -22.73 0.93 13.68
N LEU B 266 -21.42 0.78 13.57
CA LEU B 266 -20.82 -0.52 13.26
C LEU B 266 -21.17 -1.54 14.33
N PRO B 267 -21.66 -2.73 13.95
CA PRO B 267 -21.84 -3.79 14.96
C PRO B 267 -20.52 -4.12 15.64
N GLU B 268 -20.58 -4.23 16.97
CA GLU B 268 -19.37 -4.49 17.73
C GLU B 268 -18.71 -5.79 17.29
N GLN B 269 -19.53 -6.79 16.94
CA GLN B 269 -19.01 -8.12 16.66
C GLN B 269 -18.51 -8.28 15.25
N TYR B 270 -18.55 -7.24 14.43
CA TYR B 270 -17.98 -7.27 13.09
C TYR B 270 -16.76 -6.38 12.98
N SER B 271 -16.41 -5.68 14.06
CA SER B 271 -15.33 -4.70 13.99
C SER B 271 -14.01 -5.34 13.64
N ASP B 272 -13.85 -6.64 13.97
CA ASP B 272 -12.57 -7.32 13.73
C ASP B 272 -12.24 -7.46 12.25
N ILE B 273 -13.25 -7.63 11.39
CA ILE B 273 -13.04 -7.80 9.96
C ILE B 273 -13.24 -6.49 9.20
N LEU B 274 -14.23 -5.66 9.59
CA LEU B 274 -14.55 -4.46 8.82
C LEU B 274 -13.59 -3.29 9.10
N LEU B 275 -12.70 -3.38 10.09
CA LEU B 275 -11.80 -2.27 10.38
C LEU B 275 -10.36 -2.73 10.20
N ASN B 276 -9.60 -1.95 9.43
CA ASN B 276 -8.21 -2.26 9.12
C ASN B 276 -7.30 -1.56 10.11
N GLU B 277 -6.66 -2.34 10.98
CA GLU B 277 -5.76 -1.82 12.00
C GLU B 277 -4.76 -0.83 11.44
N ARG B 278 -4.08 -1.18 10.36
CA ARG B 278 -2.99 -0.32 9.89
C ARG B 278 -3.52 1.04 9.47
N VAL B 279 -4.63 1.06 8.72
CA VAL B 279 -5.16 2.34 8.26
C VAL B 279 -5.53 3.22 9.46
N TRP B 280 -6.23 2.65 10.43
CA TRP B 280 -6.79 3.46 11.52
C TRP B 280 -5.70 3.95 12.46
N ASN B 281 -4.74 3.08 12.76
CA ASN B 281 -3.61 3.52 13.59
C ASN B 281 -2.78 4.59 12.90
N ILE B 282 -2.61 4.47 11.59
CA ILE B 282 -1.90 5.49 10.84
C ILE B 282 -2.70 6.78 10.83
N CYS B 283 -3.99 6.70 10.49
CA CYS B 283 -4.81 7.91 10.35
C CYS B 283 -4.91 8.66 11.67
N LEU B 284 -5.08 7.94 12.77
CA LEU B 284 -5.35 8.56 14.07
C LEU B 284 -4.09 8.97 14.81
N TYR B 285 -2.95 8.36 14.51
CA TYR B 285 -1.77 8.49 15.35
C TYR B 285 -0.48 8.87 14.64
N SER B 286 -0.37 8.67 13.31
CA SER B 286 0.84 8.99 12.57
C SER B 286 0.66 10.06 11.50
N SER B 287 -0.52 10.17 10.90
CA SER B 287 -0.69 10.93 9.67
C SER B 287 -0.77 12.43 9.94
N PHE B 288 -0.76 13.19 8.84
CA PHE B 288 -0.84 14.64 8.94
C PHE B 288 -2.06 15.06 9.73
N GLN B 289 -3.14 14.28 9.66
CA GLN B 289 -4.42 14.66 10.27
C GLN B 289 -4.67 13.92 11.59
N LYS B 290 -3.61 13.39 12.20
CA LYS B 290 -3.69 12.68 13.47
C LYS B 290 -4.37 13.49 14.57
N ASN B 291 -4.42 14.81 14.42
CA ASN B 291 -4.98 15.71 15.41
C ASN B 291 -6.26 16.36 14.94
N SER B 292 -6.84 15.91 13.84
CA SER B 292 -7.92 16.61 13.20
C SER B 292 -9.23 15.87 13.29
N LEU B 293 -9.25 14.70 13.90
CA LEU B 293 -10.44 13.84 13.91
C LEU B 293 -10.77 13.54 15.38
N HIS B 294 -11.15 14.60 16.12
CA HIS B 294 -11.35 14.45 17.55
C HIS B 294 -12.52 13.53 17.87
N ASN B 295 -13.67 13.75 17.22
CA ASN B 295 -14.81 12.92 17.54
C ASN B 295 -14.55 11.47 17.17
N THR B 296 -13.95 11.25 16.00
CA THR B 296 -13.67 9.89 15.56
C THR B 296 -12.65 9.21 16.46
N GLU B 297 -11.57 9.92 16.83
CA GLU B 297 -10.58 9.33 17.72
C GLU B 297 -11.18 8.98 19.09
N LYS B 298 -12.03 9.86 19.63
CA LYS B 298 -12.63 9.57 20.94
C LYS B 298 -13.55 8.36 20.89
N ILE B 299 -14.37 8.24 19.85
CA ILE B 299 -15.25 7.08 19.85
C ILE B 299 -14.44 5.81 19.56
N MET B 300 -13.41 5.89 18.72
CA MET B 300 -12.60 4.68 18.45
C MET B 300 -11.94 4.16 19.72
N GLU B 301 -11.35 5.06 20.51
CA GLU B 301 -10.66 4.68 21.74
C GLU B 301 -11.61 4.13 22.80
N ASN B 302 -12.82 4.69 22.92
CA ASN B 302 -13.74 4.17 23.93
C ASN B 302 -14.41 2.89 23.47
N LYS B 303 -14.58 2.70 22.17
CA LYS B 303 -15.33 1.55 21.69
C LYS B 303 -14.43 0.41 21.21
N TYR B 304 -13.29 0.70 20.61
CA TYR B 304 -12.38 -0.34 20.12
C TYR B 304 -10.97 0.02 20.53
N PRO B 305 -10.70 0.14 21.84
CA PRO B 305 -9.31 0.36 22.27
C PRO B 305 -8.43 -0.86 22.03
N GLU B 306 -9.03 -2.01 21.69
CA GLU B 306 -8.27 -3.21 21.38
C GLU B 306 -7.55 -3.03 20.05
N LEU B 307 -8.31 -2.88 18.97
CA LEU B 307 -7.79 -2.63 17.63
C LEU B 307 -6.58 -1.69 17.68
N LEU B 308 -6.58 -0.76 18.63
CA LEU B 308 -5.44 0.12 18.86
C LEU B 308 -4.66 -0.40 20.07
C4 DEW C . 31.13 -1.06 -16.25
C5 DEW C . 33.13 -2.03 -15.23
C6 DEW C . 33.07 -1.42 -17.60
C7 DEW C . 31.57 -1.27 -17.61
C8 DEW C . 34.15 -3.55 -16.84
C9 DEW C . 34.55 -3.91 -18.29
N1 DEW C . 33.48 -2.37 -16.58
N2 DEW C . 35.39 -5.14 -18.33
C3 DEW C . 31.87 -1.37 -15.21
S1 DEW C . 29.66 -0.41 -15.81
C1 DEW C . 30.07 -0.53 -14.24
C2 DEW C . 31.28 -1.06 -14.01
O1 DEW C . 34.40 -4.33 -16.03
C4 DEW D . -38.09 -3.33 12.39
C5 DEW D . -39.33 -5.19 13.49
C6 DEW D . -37.53 -3.91 14.70
C7 DEW D . -36.99 -3.38 13.36
C8 DEW D . -37.73 -6.32 15.03
C9 DEW D . -36.55 -6.23 16.03
N1 DEW D . -38.20 -5.20 14.45
N2 DEW D . -35.23 -6.15 15.28
C3 DEW D . -39.16 -4.14 12.49
S1 DEW D . -38.21 -2.28 11.10
C1 DEW D . -39.70 -2.88 10.67
C2 DEW D . -40.12 -3.87 11.49
O1 DEW D . -38.16 -7.44 14.81
#